data_5A70
#
_entry.id   5A70
#
_cell.length_a   52.898
_cell.length_b   63.228
_cell.length_c   63.889
_cell.angle_alpha   90.00
_cell.angle_beta   91.20
_cell.angle_gamma   90.00
#
_symmetry.space_group_name_H-M   'P 1 21 1'
#
loop_
_entity.id
_entity.type
_entity.pdbx_description
1 polymer LECB
2 branched alpha-L-fucopyranose-(1-3)-[beta-D-galactopyranose-(1-4)]2-acetamido-2-deoxy-beta-D-glucopyranose-(1-3)-beta-D-galactopyranose
3 non-polymer 'CALCIUM ION'
4 non-polymer 'SULFATE ION'
5 water water
#
_entity_poly.entity_id   1
_entity_poly.type   'polypeptide(L)'
_entity_poly.pdbx_seq_one_letter_code
;ATQGVFTLPANTQFGVTAFANSAGTQTVNVQVNNETVATFTGQSTNNAIIGSKVLNSGGGGKVQILVSVNGRSSDLVSAQ
VILANELNFALVGSEDSTDNDYNDAVVVINWPLG
;
_entity_poly.pdbx_strand_id   A,B,C,D
#
loop_
_chem_comp.id
_chem_comp.type
_chem_comp.name
_chem_comp.formula
CA non-polymer 'CALCIUM ION' 'Ca 2'
FUC L-saccharide, alpha linking alpha-L-fucopyranose 'C6 H12 O5'
GAL D-saccharide, beta linking beta-D-galactopyranose 'C6 H12 O6'
NAG D-saccharide, beta linking 2-acetamido-2-deoxy-beta-D-glucopyranose 'C8 H15 N O6'
SO4 non-polymer 'SULFATE ION' 'O4 S -2'
#
# COMPACT_ATOMS: atom_id res chain seq x y z
N ALA A 1 -12.02 -11.12 7.86
CA ALA A 1 -12.20 -11.07 6.38
C ALA A 1 -11.42 -12.20 5.75
N THR A 2 -11.88 -12.68 4.61
CA THR A 2 -11.04 -13.56 3.78
C THR A 2 -9.82 -12.78 3.31
N GLN A 3 -8.67 -13.44 3.31
CA GLN A 3 -7.41 -12.84 2.94
C GLN A 3 -6.69 -13.81 2.01
N GLY A 4 -5.76 -13.32 1.24
CA GLY A 4 -5.01 -14.16 0.31
C GLY A 4 -5.70 -14.49 -1.00
N VAL A 5 -6.75 -13.74 -1.34
CA VAL A 5 -7.47 -13.90 -2.61
C VAL A 5 -7.37 -12.63 -3.41
N PHE A 6 -6.95 -12.74 -4.68
CA PHE A 6 -6.71 -11.57 -5.51
C PHE A 6 -7.30 -11.78 -6.89
N THR A 7 -7.93 -10.76 -7.42
CA THR A 7 -8.35 -10.82 -8.83
C THR A 7 -7.32 -10.12 -9.66
N LEU A 8 -6.62 -10.90 -10.48
CA LEU A 8 -5.63 -10.33 -11.35
C LEU A 8 -6.33 -10.03 -12.68
N PRO A 9 -5.68 -9.20 -13.50
CA PRO A 9 -6.14 -9.10 -14.88
C PRO A 9 -6.10 -10.45 -15.51
N ALA A 10 -7.10 -10.71 -16.29
CA ALA A 10 -7.25 -12.00 -16.92
C ALA A 10 -6.12 -12.30 -17.91
N ASN A 11 -5.82 -13.56 -18.04
CA ASN A 11 -4.81 -14.03 -19.03
C ASN A 11 -3.46 -13.37 -18.99
N THR A 12 -2.95 -13.17 -17.78
CA THR A 12 -1.78 -12.39 -17.57
C THR A 12 -0.73 -13.26 -16.86
N GLN A 13 0.50 -13.14 -17.34
CA GLN A 13 1.61 -13.81 -16.68
C GLN A 13 1.89 -13.08 -15.39
N PHE A 14 2.21 -13.85 -14.37
CA PHE A 14 2.56 -13.31 -13.07
C PHE A 14 3.59 -14.13 -12.38
N GLY A 15 4.34 -13.49 -11.50
CA GLY A 15 5.29 -14.19 -10.66
C GLY A 15 4.71 -14.45 -9.29
N VAL A 16 5.12 -15.56 -8.68
CA VAL A 16 4.79 -15.83 -7.29
C VAL A 16 6.06 -16.36 -6.63
N THR A 17 6.42 -15.78 -5.48
CA THR A 17 7.67 -16.11 -4.77
C THR A 17 7.32 -16.24 -3.31
N ALA A 18 7.86 -17.26 -2.65
CA ALA A 18 7.60 -17.46 -1.25
C ALA A 18 8.89 -17.51 -0.45
N PHE A 19 8.86 -16.86 0.71
CA PHE A 19 9.96 -16.78 1.67
C PHE A 19 9.56 -17.39 2.97
N ALA A 20 10.50 -18.05 3.67
CA ALA A 20 10.15 -18.68 4.95
C ALA A 20 10.93 -18.09 6.12
N ASN A 21 10.26 -17.94 7.23
CA ASN A 21 10.85 -17.37 8.48
C ASN A 21 10.21 -17.99 9.70
N SER A 22 10.53 -19.25 9.94
CA SER A 22 9.89 -20.02 10.99
C SER A 22 10.67 -21.30 11.23
N ALA A 23 10.56 -21.82 12.43
CA ALA A 23 11.10 -23.16 12.71
C ALA A 23 10.34 -24.26 11.91
N GLY A 24 9.08 -24.00 11.59
CA GLY A 24 8.20 -24.97 10.94
C GLY A 24 8.34 -24.95 9.45
N THR A 25 8.28 -26.13 8.85
CA THR A 25 8.28 -26.25 7.40
C THR A 25 6.96 -25.66 6.85
N GLN A 26 7.09 -24.76 5.92
CA GLN A 26 5.93 -24.10 5.34
C GLN A 26 5.49 -24.83 4.07
N THR A 27 4.18 -24.94 3.91
CA THR A 27 3.57 -25.44 2.67
C THR A 27 2.64 -24.32 2.10
N VAL A 28 3.01 -23.77 0.95
CA VAL A 28 2.27 -22.70 0.29
C VAL A 28 1.56 -23.31 -0.91
N ASN A 29 0.22 -23.23 -0.92
CA ASN A 29 -0.65 -23.70 -2.03
C ASN A 29 -1.09 -22.50 -2.84
N VAL A 30 -0.90 -22.57 -4.16
CA VAL A 30 -1.30 -21.52 -5.06
C VAL A 30 -2.41 -22.06 -5.93
N GLN A 31 -3.57 -21.46 -5.88
CA GLN A 31 -4.69 -21.84 -6.77
C GLN A 31 -4.95 -20.73 -7.77
N VAL A 32 -5.19 -21.10 -9.02
CA VAL A 32 -5.59 -20.19 -10.08
C VAL A 32 -6.92 -20.65 -10.62
N ASN A 33 -7.92 -19.76 -10.52
CA ASN A 33 -9.31 -20.12 -10.79
C ASN A 33 -9.70 -21.46 -10.17
N ASN A 34 -9.38 -21.60 -8.89
CA ASN A 34 -9.84 -22.68 -8.04
C ASN A 34 -9.19 -24.04 -8.30
N GLU A 35 -8.07 -24.03 -8.99
CA GLU A 35 -7.29 -25.26 -9.18
C GLU A 35 -5.88 -25.01 -8.67
N THR A 36 -5.39 -25.99 -7.94
CA THR A 36 -3.99 -25.89 -7.47
C THR A 36 -3.06 -25.98 -8.64
N VAL A 37 -2.24 -24.97 -8.82
CA VAL A 37 -1.25 -24.93 -9.89
C VAL A 37 0.21 -24.90 -9.41
N ALA A 38 0.43 -24.70 -8.11
CA ALA A 38 1.79 -24.77 -7.55
C ALA A 38 1.73 -25.00 -6.09
N THR A 39 2.73 -25.73 -5.60
CA THR A 39 2.87 -25.95 -4.16
C THR A 39 4.33 -25.71 -3.84
N PHE A 40 4.61 -24.89 -2.85
CA PHE A 40 5.98 -24.62 -2.41
C PHE A 40 6.16 -25.15 -1.04
N THR A 41 7.29 -25.85 -0.78
CA THR A 41 7.50 -26.42 0.55
C THR A 41 8.94 -26.14 0.93
N GLY A 42 9.13 -25.65 2.13
CA GLY A 42 10.51 -25.45 2.59
C GLY A 42 10.57 -24.83 3.96
N GLN A 43 11.79 -24.76 4.47
CA GLN A 43 12.00 -24.29 5.85
C GLN A 43 13.18 -23.34 5.87
N SER A 44 13.03 -22.27 6.64
CA SER A 44 14.10 -21.32 6.87
C SER A 44 13.68 -20.41 8.02
N THR A 45 14.67 -19.94 8.81
CA THR A 45 14.49 -18.82 9.75
C THR A 45 15.27 -17.58 9.26
N ASN A 46 15.68 -17.59 8.02
CA ASN A 46 16.48 -16.52 7.45
C ASN A 46 16.00 -16.10 6.05
N ASN A 47 14.70 -16.14 5.83
CA ASN A 47 14.12 -15.59 4.63
C ASN A 47 14.51 -16.32 3.34
N ALA A 48 14.86 -17.60 3.43
CA ALA A 48 15.12 -18.31 2.21
C ALA A 48 13.92 -18.38 1.28
N ILE A 49 14.19 -18.41 0.01
CA ILE A 49 13.13 -18.52 -1.00
C ILE A 49 12.79 -19.96 -1.14
N ILE A 50 11.58 -20.33 -0.83
CA ILE A 50 11.13 -21.75 -0.84
C ILE A 50 10.38 -22.07 -2.13
N GLY A 51 10.17 -21.08 -2.95
CA GLY A 51 9.66 -21.34 -4.32
C GLY A 51 9.48 -20.03 -5.10
N SER A 52 9.64 -20.07 -6.43
CA SER A 52 9.39 -18.88 -7.29
C SER A 52 9.01 -19.49 -8.64
N LYS A 53 7.88 -19.05 -9.15
CA LYS A 53 7.34 -19.63 -10.37
C LYS A 53 6.65 -18.53 -11.16
N VAL A 54 6.54 -18.75 -12.47
CA VAL A 54 5.76 -17.91 -13.33
C VAL A 54 4.51 -18.69 -13.68
N LEU A 55 3.36 -18.03 -13.49
CA LEU A 55 2.06 -18.63 -13.73
C LEU A 55 1.21 -17.67 -14.59
N ASN A 56 0.09 -18.16 -15.02
CA ASN A 56 -0.85 -17.34 -15.84
C ASN A 56 -2.20 -17.26 -15.12
N SER A 57 -2.79 -16.08 -15.05
CA SER A 57 -4.02 -15.92 -14.28
C SER A 57 -5.28 -16.46 -14.92
N GLY A 58 -5.16 -16.87 -16.18
CA GLY A 58 -6.26 -17.62 -16.81
C GLY A 58 -7.45 -16.72 -17.10
N GLY A 59 -8.55 -17.34 -17.46
CA GLY A 59 -9.74 -16.58 -17.83
C GLY A 59 -10.38 -15.75 -16.72
N GLY A 60 -10.48 -16.32 -15.52
CA GLY A 60 -11.13 -15.59 -14.43
C GLY A 60 -10.23 -14.65 -13.64
N GLY A 61 -8.93 -14.85 -13.78
CA GLY A 61 -7.93 -14.04 -13.07
C GLY A 61 -7.87 -14.29 -11.55
N LYS A 62 -8.53 -15.29 -11.04
CA LYS A 62 -8.60 -15.52 -9.59
C LYS A 62 -7.35 -16.23 -9.08
N VAL A 63 -6.69 -15.63 -8.10
CA VAL A 63 -5.46 -16.24 -7.54
C VAL A 63 -5.64 -16.31 -6.04
N GLN A 64 -5.47 -17.48 -5.45
CA GLN A 64 -5.64 -17.65 -4.02
C GLN A 64 -4.43 -18.37 -3.40
N ILE A 65 -3.94 -17.82 -2.31
CA ILE A 65 -2.79 -18.35 -1.58
C ILE A 65 -3.28 -18.92 -0.25
N LEU A 66 -2.85 -20.14 0.07
CA LEU A 66 -3.18 -20.81 1.31
C LEU A 66 -1.84 -21.33 1.91
N VAL A 67 -1.70 -21.23 3.21
CA VAL A 67 -0.45 -21.66 3.87
C VAL A 67 -0.79 -22.60 4.96
N SER A 68 -0.02 -23.70 5.09
CA SER A 68 -0.16 -24.58 6.22
C SER A 68 1.21 -25.04 6.72
N VAL A 69 1.23 -25.44 7.98
CA VAL A 69 2.45 -25.95 8.59
C VAL A 69 2.05 -27.21 9.30
N ASN A 70 2.57 -28.32 8.79
CA ASN A 70 2.25 -29.67 9.30
C ASN A 70 0.74 -29.80 9.57
N GLY A 71 -0.02 -29.55 8.54
CA GLY A 71 -1.46 -29.79 8.59
C GLY A 71 -2.32 -28.79 9.33
N ARG A 72 -1.73 -27.69 9.81
CA ARG A 72 -2.47 -26.59 10.42
C ARG A 72 -2.45 -25.38 9.51
N SER A 73 -3.63 -24.86 9.16
CA SER A 73 -3.70 -23.65 8.36
C SER A 73 -3.16 -22.44 9.14
N SER A 74 -2.29 -21.70 8.51
CA SER A 74 -1.81 -20.45 9.09
C SER A 74 -2.86 -19.34 8.86
N ASP A 75 -2.83 -18.36 9.75
CA ASP A 75 -3.68 -17.18 9.64
C ASP A 75 -3.02 -16.24 8.61
N LEU A 76 -3.80 -15.68 7.71
CA LEU A 76 -3.27 -14.84 6.62
C LEU A 76 -3.63 -13.40 6.76
N VAL A 77 -2.78 -12.57 6.17
CA VAL A 77 -3.08 -11.15 6.01
C VAL A 77 -2.59 -10.75 4.63
N SER A 78 -3.31 -9.86 3.95
CA SER A 78 -2.95 -9.55 2.55
C SER A 78 -3.39 -8.19 2.10
N ALA A 79 -2.74 -7.70 1.06
CA ALA A 79 -3.19 -6.48 0.39
C ALA A 79 -2.60 -6.45 -1.02
N GLN A 80 -3.10 -5.53 -1.85
CA GLN A 80 -2.52 -5.33 -3.18
C GLN A 80 -2.07 -3.87 -3.29
N VAL A 81 -0.92 -3.63 -3.89
N VAL A 81 -0.92 -3.63 -3.89
CA VAL A 81 -0.44 -2.27 -4.07
CA VAL A 81 -0.41 -2.28 -4.08
C VAL A 81 -0.04 -2.07 -5.53
C VAL A 81 -0.05 -2.07 -5.54
N ILE A 82 -0.36 -0.88 -6.05
CA ILE A 82 -0.06 -0.53 -7.44
C ILE A 82 0.77 0.73 -7.48
N LEU A 83 1.91 0.65 -8.17
CA LEU A 83 2.82 1.77 -8.36
C LEU A 83 2.86 2.21 -9.84
N ALA A 84 2.95 3.52 -10.05
CA ALA A 84 2.98 4.13 -11.39
C ALA A 84 1.78 3.73 -12.20
N ASN A 85 0.66 3.42 -11.52
CA ASN A 85 -0.57 2.99 -12.22
C ASN A 85 -0.36 1.77 -13.12
N GLU A 86 0.60 0.93 -12.83
CA GLU A 86 0.98 -0.13 -13.72
C GLU A 86 1.59 -1.39 -13.03
N LEU A 87 2.50 -1.15 -12.10
CA LEU A 87 3.27 -2.23 -11.44
C LEU A 87 2.49 -2.74 -10.23
N ASN A 88 2.09 -3.98 -10.27
CA ASN A 88 1.20 -4.56 -9.23
C ASN A 88 1.92 -5.54 -8.31
N PHE A 89 1.68 -5.42 -7.01
CA PHE A 89 2.12 -6.42 -6.05
C PHE A 89 0.91 -6.93 -5.27
N ALA A 90 0.77 -8.24 -5.16
CA ALA A 90 -0.18 -8.82 -4.26
C ALA A 90 0.64 -9.52 -3.18
N LEU A 91 0.36 -9.17 -1.95
CA LEU A 91 1.22 -9.46 -0.81
C LEU A 91 0.50 -10.27 0.23
N VAL A 92 1.14 -11.33 0.74
CA VAL A 92 0.54 -12.18 1.76
C VAL A 92 1.55 -12.39 2.90
N GLY A 93 1.09 -12.20 4.11
CA GLY A 93 1.81 -12.68 5.27
C GLY A 93 1.04 -13.81 5.96
N SER A 94 1.74 -14.60 6.77
CA SER A 94 1.07 -15.70 7.44
C SER A 94 1.69 -15.97 8.80
N GLU A 95 0.87 -16.48 9.70
CA GLU A 95 1.29 -16.72 11.06
C GLU A 95 0.91 -18.12 11.46
N ASP A 96 1.94 -18.89 11.83
CA ASP A 96 1.79 -20.30 12.23
C ASP A 96 1.77 -20.56 13.72
N SER A 97 1.82 -19.52 14.52
CA SER A 97 1.97 -19.65 15.96
C SER A 97 1.34 -18.45 16.65
N THR A 98 1.92 -17.99 17.75
CA THR A 98 1.35 -16.99 18.59
C THR A 98 2.12 -15.68 18.71
N ASP A 99 3.31 -15.58 18.11
CA ASP A 99 4.09 -14.38 18.24
C ASP A 99 3.64 -13.24 17.32
N ASN A 100 2.84 -13.55 16.31
CA ASN A 100 2.24 -12.58 15.40
C ASN A 100 3.24 -11.75 14.64
N ASP A 101 4.34 -12.37 14.23
CA ASP A 101 5.27 -11.67 13.34
C ASP A 101 4.75 -11.71 11.88
N TYR A 102 3.84 -12.65 11.59
CA TYR A 102 3.18 -12.74 10.24
C TYR A 102 4.18 -12.90 9.10
N ASN A 103 5.40 -13.39 9.40
CA ASN A 103 6.40 -13.61 8.37
C ASN A 103 6.74 -15.11 8.13
N ASP A 104 5.95 -15.99 8.69
CA ASP A 104 6.37 -17.39 8.77
C ASP A 104 6.47 -17.98 7.37
N ALA A 105 5.47 -17.67 6.53
CA ALA A 105 5.61 -17.70 5.09
C ALA A 105 5.17 -16.34 4.55
N VAL A 106 5.98 -15.74 3.73
CA VAL A 106 5.68 -14.45 3.08
C VAL A 106 5.57 -14.77 1.59
N VAL A 107 4.50 -14.31 0.96
CA VAL A 107 4.28 -14.58 -0.44
C VAL A 107 4.14 -13.26 -1.19
N VAL A 108 4.90 -13.12 -2.27
CA VAL A 108 4.86 -11.94 -3.12
C VAL A 108 4.44 -12.35 -4.53
N ILE A 109 3.36 -11.77 -4.99
CA ILE A 109 2.87 -11.96 -6.38
C ILE A 109 3.12 -10.65 -7.15
N ASN A 110 3.78 -10.70 -8.30
CA ASN A 110 4.05 -9.49 -9.06
C ASN A 110 3.66 -9.64 -10.53
N TRP A 111 3.17 -8.53 -11.10
CA TRP A 111 2.86 -8.44 -12.53
C TRP A 111 2.80 -6.95 -12.89
N PRO A 112 2.90 -6.58 -14.17
CA PRO A 112 3.18 -7.50 -15.29
C PRO A 112 4.59 -8.00 -15.31
N LEU A 113 4.79 -9.02 -16.13
CA LEU A 113 6.12 -9.55 -16.43
C LEU A 113 6.53 -9.15 -17.84
N GLY A 114 7.78 -9.44 -18.15
CA GLY A 114 8.31 -9.30 -19.49
C GLY A 114 8.88 -7.96 -19.84
N ALA B 1 9.82 13.33 -6.43
CA ALA B 1 10.38 12.91 -5.15
C ALA B 1 11.48 11.90 -5.41
N THR B 2 12.43 11.85 -4.50
CA THR B 2 13.38 10.75 -4.47
C THR B 2 12.58 9.48 -4.19
N GLN B 3 12.96 8.43 -4.88
CA GLN B 3 12.27 7.14 -4.75
C GLN B 3 13.33 6.11 -4.47
N GLY B 4 12.95 4.97 -3.91
CA GLY B 4 13.85 3.92 -3.59
C GLY B 4 14.67 4.12 -2.34
N VAL B 5 14.26 5.04 -1.49
CA VAL B 5 14.93 5.32 -0.20
C VAL B 5 13.94 5.05 0.93
N PHE B 6 14.34 4.25 1.91
CA PHE B 6 13.46 3.84 2.98
C PHE B 6 14.19 3.93 4.32
N THR B 7 13.50 4.36 5.35
CA THR B 7 14.03 4.29 6.71
C THR B 7 13.46 3.04 7.35
N LEU B 8 14.29 2.05 7.52
CA LEU B 8 13.90 0.90 8.24
C LEU B 8 14.15 1.15 9.73
N PRO B 9 13.54 0.32 10.58
CA PRO B 9 14.01 0.31 11.96
C PRO B 9 15.46 0.04 12.02
N ALA B 10 16.14 0.73 12.91
CA ALA B 10 17.58 0.61 13.01
C ALA B 10 17.98 -0.78 13.45
N ASN B 11 19.17 -1.17 13.02
CA ASN B 11 19.77 -2.40 13.50
C ASN B 11 18.97 -3.67 13.33
N THR B 12 18.24 -3.73 12.21
CA THR B 12 17.26 -4.78 11.96
C THR B 12 17.62 -5.61 10.74
N GLN B 13 17.46 -6.90 10.83
CA GLN B 13 17.67 -7.75 9.67
C GLN B 13 16.57 -7.58 8.67
N PHE B 14 16.91 -7.60 7.39
CA PHE B 14 15.90 -7.51 6.32
C PHE B 14 16.32 -8.29 5.14
N GLY B 15 15.36 -8.68 4.32
CA GLY B 15 15.61 -9.34 3.04
C GLY B 15 15.52 -8.36 1.88
N VAL B 16 16.32 -8.58 0.85
CA VAL B 16 16.21 -7.83 -0.37
C VAL B 16 16.28 -8.83 -1.51
N THR B 17 15.32 -8.75 -2.40
CA THR B 17 15.22 -9.65 -3.57
C THR B 17 14.95 -8.83 -4.82
N ALA B 18 15.63 -9.15 -5.94
CA ALA B 18 15.42 -8.45 -7.16
C ALA B 18 15.04 -9.39 -8.30
N PHE B 19 14.10 -8.93 -9.10
CA PHE B 19 13.60 -9.66 -10.27
C PHE B 19 13.87 -8.83 -11.54
N ALA B 20 14.08 -9.51 -12.68
CA ALA B 20 14.32 -8.80 -13.95
C ALA B 20 13.27 -9.13 -15.01
N ASN B 21 12.89 -8.09 -15.75
CA ASN B 21 11.88 -8.22 -16.83
C ASN B 21 12.18 -7.21 -17.90
N SER B 22 13.23 -7.48 -18.66
CA SER B 22 13.68 -6.56 -19.67
C SER B 22 14.70 -7.23 -20.58
N ALA B 23 14.82 -6.71 -21.81
CA ALA B 23 15.91 -7.16 -22.72
C ALA B 23 17.28 -6.72 -22.21
N GLY B 24 17.31 -5.65 -21.42
CA GLY B 24 18.53 -5.11 -20.89
C GLY B 24 19.01 -5.77 -19.60
N THR B 25 20.32 -5.91 -19.47
CA THR B 25 20.89 -6.45 -18.19
C THR B 25 20.72 -5.42 -17.10
N GLN B 26 20.11 -5.84 -15.98
CA GLN B 26 19.85 -4.92 -14.86
C GLN B 26 20.99 -4.98 -13.85
N THR B 27 21.35 -3.83 -13.30
CA THR B 27 22.25 -3.72 -12.17
C THR B 27 21.56 -3.05 -10.98
N VAL B 28 21.34 -3.81 -9.90
CA VAL B 28 20.68 -3.30 -8.69
C VAL B 28 21.73 -3.09 -7.62
N ASN B 29 21.90 -1.85 -7.21
CA ASN B 29 22.78 -1.48 -6.09
CA ASN B 29 22.78 -1.45 -6.12
C ASN B 29 21.96 -1.25 -4.82
N VAL B 30 22.41 -1.86 -3.75
CA VAL B 30 21.78 -1.70 -2.43
C VAL B 30 22.74 -0.99 -1.54
N GLN B 31 22.35 0.18 -1.06
CA GLN B 31 23.17 0.91 -0.12
C GLN B 31 22.48 0.88 1.28
N VAL B 32 23.29 0.68 2.31
CA VAL B 32 22.84 0.77 3.66
C VAL B 32 23.65 1.87 4.32
N ASN B 33 22.95 2.89 4.84
CA ASN B 33 23.59 4.07 5.44
C ASN B 33 24.73 4.60 4.57
N ASN B 34 24.38 4.70 3.30
CA ASN B 34 25.20 5.36 2.30
C ASN B 34 26.41 4.55 1.84
N GLU B 35 26.41 3.25 2.11
CA GLU B 35 27.48 2.38 1.60
C GLU B 35 26.92 1.22 0.87
N THR B 36 27.51 0.89 -0.27
CA THR B 36 27.06 -0.22 -1.07
C THR B 36 27.36 -1.49 -0.32
N VAL B 37 26.33 -2.28 -0.10
CA VAL B 37 26.45 -3.58 0.57
C VAL B 37 26.02 -4.76 -0.28
N ALA B 38 25.42 -4.54 -1.43
CA ALA B 38 25.06 -5.60 -2.34
C ALA B 38 24.85 -5.07 -3.72
N THR B 39 25.20 -5.89 -4.72
CA THR B 39 24.94 -5.56 -6.12
C THR B 39 24.43 -6.79 -6.78
N PHE B 40 23.33 -6.67 -7.50
CA PHE B 40 22.75 -7.79 -8.15
C PHE B 40 22.74 -7.49 -9.64
N THR B 41 23.20 -8.42 -10.46
CA THR B 41 23.23 -8.19 -11.91
C THR B 41 22.63 -9.37 -12.60
N GLY B 42 21.77 -9.13 -13.59
CA GLY B 42 21.25 -10.25 -14.38
C GLY B 42 20.28 -9.79 -15.45
N GLN B 43 19.87 -10.73 -16.30
CA GLN B 43 18.98 -10.41 -17.45
C GLN B 43 17.95 -11.48 -17.55
N SER B 44 16.68 -11.08 -17.65
CA SER B 44 15.61 -11.97 -17.84
C SER B 44 14.44 -11.18 -18.43
N THR B 45 13.62 -11.82 -19.25
CA THR B 45 12.30 -11.29 -19.57
C THR B 45 11.20 -12.17 -18.97
N ASN B 46 11.52 -12.97 -17.99
CA ASN B 46 10.60 -13.87 -17.38
C ASN B 46 10.72 -13.89 -15.86
N ASN B 47 10.96 -12.71 -15.30
CA ASN B 47 10.91 -12.52 -13.83
C ASN B 47 11.97 -13.31 -13.07
N ALA B 48 13.10 -13.66 -13.69
CA ALA B 48 14.11 -14.40 -12.91
C ALA B 48 14.61 -13.58 -11.74
N ILE B 49 14.86 -14.26 -10.66
CA ILE B 49 15.46 -13.64 -9.48
C ILE B 49 16.92 -13.42 -9.79
N ILE B 50 17.36 -12.19 -9.80
CA ILE B 50 18.75 -11.87 -10.07
C ILE B 50 19.58 -11.66 -8.79
N GLY B 51 18.92 -11.70 -7.65
CA GLY B 51 19.66 -11.70 -6.39
C GLY B 51 18.70 -11.72 -5.21
N SER B 52 19.13 -12.32 -4.11
CA SER B 52 18.37 -12.29 -2.85
C SER B 52 19.39 -12.38 -1.73
N LYS B 53 19.31 -11.45 -0.79
CA LYS B 53 20.29 -11.42 0.29
C LYS B 53 19.61 -11.00 1.57
N VAL B 54 20.26 -11.32 2.67
CA VAL B 54 19.85 -10.85 3.99
C VAL B 54 20.88 -9.83 4.42
N LEU B 55 20.40 -8.68 4.88
CA LEU B 55 21.25 -7.58 5.32
C LEU B 55 20.81 -7.02 6.66
N ASN B 56 21.58 -6.12 7.24
CA ASN B 56 21.17 -5.43 8.46
C ASN B 56 21.10 -3.94 8.17
N SER B 57 20.07 -3.27 8.71
CA SER B 57 19.87 -1.87 8.42
C SER B 57 20.81 -0.89 9.09
N GLY B 58 21.60 -1.41 10.03
CA GLY B 58 22.63 -0.60 10.68
C GLY B 58 22.10 0.51 11.56
N GLY B 59 23.01 1.38 12.00
CA GLY B 59 22.61 2.39 12.97
C GLY B 59 21.58 3.39 12.51
N GLY B 60 21.65 3.79 11.24
CA GLY B 60 20.71 4.78 10.75
C GLY B 60 19.45 4.24 10.11
N GLY B 61 19.44 2.95 9.81
CA GLY B 61 18.30 2.30 9.15
C GLY B 61 18.07 2.69 7.74
N LYS B 62 18.95 3.49 7.14
CA LYS B 62 18.70 3.98 5.78
C LYS B 62 19.01 2.92 4.72
N VAL B 63 18.03 2.61 3.87
CA VAL B 63 18.24 1.65 2.77
C VAL B 63 17.91 2.36 1.49
N GLN B 64 18.84 2.35 0.53
CA GLN B 64 18.59 2.93 -0.78
C GLN B 64 18.84 1.94 -1.90
N ILE B 65 17.87 1.85 -2.81
CA ILE B 65 17.97 1.03 -4.01
C ILE B 65 18.23 1.92 -5.21
N LEU B 66 19.22 1.54 -6.05
CA LEU B 66 19.49 2.23 -7.31
C LEU B 66 19.53 1.21 -8.37
N VAL B 67 19.03 1.54 -9.54
CA VAL B 67 18.99 0.56 -10.65
C VAL B 67 19.56 1.23 -11.88
N SER B 68 20.42 0.51 -12.60
CA SER B 68 20.94 1.04 -13.86
C SER B 68 21.01 -0.09 -14.88
N VAL B 69 20.97 0.31 -16.14
CA VAL B 69 21.09 -0.64 -17.23
C VAL B 69 22.23 -0.14 -18.09
N ASN B 70 23.30 -0.93 -18.16
CA ASN B 70 24.53 -0.55 -18.87
C ASN B 70 24.89 0.88 -18.54
N GLY B 71 24.96 1.15 -17.24
CA GLY B 71 25.39 2.46 -16.76
C GLY B 71 24.40 3.61 -16.74
N ARG B 72 23.20 3.42 -17.25
CA ARG B 72 22.19 4.50 -17.34
C ARG B 72 21.16 4.29 -16.21
N SER B 73 20.97 5.28 -15.38
CA SER B 73 20.01 5.15 -14.25
C SER B 73 18.61 4.98 -14.76
N SER B 74 17.92 3.97 -14.23
CA SER B 74 16.52 3.76 -14.52
C SER B 74 15.71 4.72 -13.65
N ASP B 75 14.52 5.03 -14.13
CA ASP B 75 13.55 5.83 -13.34
C ASP B 75 12.88 4.91 -12.33
N LEU B 76 12.83 5.35 -11.07
CA LEU B 76 12.34 4.54 -9.95
C LEU B 76 10.96 4.98 -9.47
N VAL B 77 10.17 4.01 -9.02
N VAL B 77 10.19 4.01 -8.99
CA VAL B 77 8.96 4.26 -8.21
CA VAL B 77 8.96 4.27 -8.25
C VAL B 77 8.99 3.36 -6.99
C VAL B 77 8.97 3.36 -7.01
N SER B 78 8.46 3.84 -5.88
CA SER B 78 8.54 3.05 -4.63
C SER B 78 7.47 3.41 -3.63
N ALA B 79 7.21 2.49 -2.72
CA ALA B 79 6.36 2.76 -1.56
C ALA B 79 6.65 1.72 -0.51
N GLN B 80 6.21 1.95 0.70
CA GLN B 80 6.33 1.02 1.76
C GLN B 80 4.91 0.69 2.24
N VAL B 81 4.65 -0.59 2.48
N VAL B 81 4.66 -0.60 2.49
CA VAL B 81 3.34 -1.04 2.97
CA VAL B 81 3.36 -1.07 2.97
C VAL B 81 3.53 -1.94 4.18
C VAL B 81 3.54 -1.93 4.20
N ILE B 82 2.62 -1.78 5.15
CA ILE B 82 2.66 -2.53 6.41
C ILE B 82 1.37 -3.25 6.65
N LEU B 83 1.48 -4.55 6.80
CA LEU B 83 0.32 -5.42 7.10
CA LEU B 83 0.33 -5.42 7.10
C LEU B 83 0.33 -5.88 8.57
N ALA B 84 -0.86 -5.92 9.13
CA ALA B 84 -1.08 -6.37 10.51
C ALA B 84 -0.24 -5.59 11.54
N ASN B 85 0.07 -4.34 11.18
CA ASN B 85 0.93 -3.49 12.00
C ASN B 85 2.28 -4.12 12.31
N GLU B 86 2.74 -5.01 11.46
CA GLU B 86 3.95 -5.80 11.77
C GLU B 86 4.81 -6.14 10.56
N LEU B 87 4.20 -6.60 9.51
CA LEU B 87 4.89 -7.12 8.31
C LEU B 87 5.13 -6.02 7.33
N ASN B 88 6.39 -5.75 7.05
CA ASN B 88 6.76 -4.60 6.19
C ASN B 88 7.31 -5.00 4.85
N PHE B 89 6.87 -4.29 3.82
CA PHE B 89 7.42 -4.38 2.50
C PHE B 89 7.83 -3.02 2.02
N ALA B 90 9.02 -2.93 1.47
CA ALA B 90 9.45 -1.75 0.77
C ALA B 90 9.66 -2.20 -0.68
N LEU B 91 8.95 -1.55 -1.57
CA LEU B 91 8.74 -2.00 -2.94
C LEU B 91 9.33 -0.99 -3.89
N VAL B 92 10.05 -1.49 -4.91
CA VAL B 92 10.64 -0.60 -5.92
C VAL B 92 10.36 -1.16 -7.32
N GLY B 93 9.85 -0.30 -8.19
CA GLY B 93 9.81 -0.60 -9.64
C GLY B 93 10.81 0.31 -10.34
N SER B 94 11.21 -0.09 -11.58
CA SER B 94 12.15 0.71 -12.35
C SER B 94 11.86 0.58 -13.84
N GLU B 95 12.16 1.63 -14.57
CA GLU B 95 11.88 1.66 -15.98
C GLU B 95 13.19 2.10 -16.66
N ASP B 96 13.62 1.25 -17.59
CA ASP B 96 14.83 1.46 -18.39
C ASP B 96 14.59 1.97 -19.82
N SER B 97 13.37 2.22 -20.16
CA SER B 97 12.98 2.58 -21.55
C SER B 97 11.73 3.47 -21.54
N THR B 98 10.88 3.31 -22.53
CA THR B 98 9.75 4.20 -22.70
C THR B 98 8.38 3.56 -22.58
N ASP B 99 8.30 2.25 -22.38
CA ASP B 99 7.01 1.57 -22.35
C ASP B 99 6.29 1.69 -20.99
N ASN B 100 7.03 2.13 -19.98
CA ASN B 100 6.47 2.42 -18.64
C ASN B 100 5.77 1.26 -18.00
N ASP B 101 6.35 0.06 -18.14
CA ASP B 101 5.83 -1.10 -17.40
C ASP B 101 6.42 -1.10 -15.97
N TYR B 102 7.51 -0.40 -15.77
CA TYR B 102 8.14 -0.22 -14.43
C TYR B 102 8.50 -1.53 -13.77
N ASN B 103 8.73 -2.57 -14.56
CA ASN B 103 9.06 -3.90 -14.07
C ASN B 103 10.48 -4.38 -14.46
N ASP B 104 11.25 -3.49 -15.01
CA ASP B 104 12.45 -3.91 -15.69
C ASP B 104 13.45 -4.49 -14.71
N ALA B 105 13.58 -3.84 -13.56
CA ALA B 105 14.05 -4.47 -12.34
C ALA B 105 13.00 -4.17 -11.25
N VAL B 106 12.57 -5.20 -10.56
CA VAL B 106 11.59 -5.09 -9.43
C VAL B 106 12.34 -5.50 -8.19
N VAL B 107 12.26 -4.69 -7.13
CA VAL B 107 12.99 -5.00 -5.93
C VAL B 107 12.02 -5.01 -4.76
N VAL B 108 12.08 -6.10 -3.98
CA VAL B 108 11.25 -6.28 -2.81
C VAL B 108 12.15 -6.37 -1.56
N ILE B 109 11.88 -5.51 -0.62
CA ILE B 109 12.54 -5.53 0.69
C ILE B 109 11.51 -5.95 1.73
N ASN B 110 11.84 -6.94 2.54
CA ASN B 110 10.89 -7.41 3.55
C ASN B 110 11.52 -7.53 4.95
N TRP B 111 10.72 -7.24 5.96
CA TRP B 111 11.12 -7.45 7.37
C TRP B 111 9.87 -7.47 8.21
N PRO B 112 9.92 -7.99 9.42
CA PRO B 112 11.05 -8.61 10.07
C PRO B 112 11.34 -9.97 9.52
N LEU B 113 12.50 -10.46 9.86
CA LEU B 113 12.88 -11.82 9.53
C LEU B 113 12.83 -12.68 10.76
N GLY B 114 13.01 -13.97 10.54
CA GLY B 114 13.21 -14.92 11.62
C GLY B 114 11.95 -15.54 12.19
N ALA C 1 -5.91 -11.98 11.50
CA ALA C 1 -5.07 -10.98 12.17
C ALA C 1 -5.99 -9.93 12.72
N THR C 2 -5.54 -9.29 13.78
CA THR C 2 -6.15 -8.04 14.18
CA THR C 2 -6.18 -8.04 14.15
C THR C 2 -5.99 -7.01 13.05
N GLN C 3 -7.02 -6.23 12.86
CA GLN C 3 -7.04 -5.17 11.85
C GLN C 3 -7.49 -3.90 12.51
N GLY C 4 -7.13 -2.77 11.93
CA GLY C 4 -7.50 -1.49 12.46
C GLY C 4 -6.65 -0.98 13.58
N VAL C 5 -5.49 -1.59 13.79
CA VAL C 5 -4.53 -1.15 14.83
C VAL C 5 -3.19 -0.71 14.20
N PHE C 6 -2.75 0.49 14.57
CA PHE C 6 -1.60 1.09 13.92
C PHE C 6 -0.70 1.71 14.95
N THR C 7 0.61 1.55 14.78
CA THR C 7 1.59 2.30 15.62
C THR C 7 2.03 3.56 14.86
N LEU C 8 1.62 4.72 15.37
CA LEU C 8 2.13 5.97 14.89
C LEU C 8 3.36 6.35 15.71
N PRO C 9 4.12 7.31 15.22
CA PRO C 9 5.15 7.94 16.07
C PRO C 9 4.54 8.53 17.29
N ALA C 10 5.28 8.48 18.38
CA ALA C 10 4.78 9.02 19.61
C ALA C 10 4.52 10.48 19.57
N ASN C 11 3.55 10.90 20.38
CA ASN C 11 3.26 12.33 20.61
C ASN C 11 3.15 13.12 19.36
N THR C 12 2.45 12.56 18.37
CA THR C 12 2.36 13.13 17.04
C THR C 12 0.91 13.46 16.68
N GLN C 13 0.72 14.64 16.10
CA GLN C 13 -0.57 15.02 15.63
C GLN C 13 -0.92 14.30 14.35
N PHE C 14 -2.15 13.83 14.26
CA PHE C 14 -2.59 13.12 13.09
C PHE C 14 -4.02 13.47 12.76
N GLY C 15 -4.42 13.23 11.52
CA GLY C 15 -5.79 13.40 11.10
C GLY C 15 -6.54 12.08 11.05
N VAL C 16 -7.82 12.09 11.40
CA VAL C 16 -8.67 10.91 11.21
C VAL C 16 -9.98 11.36 10.59
N THR C 17 -10.37 10.73 9.50
CA THR C 17 -11.57 11.10 8.75
C THR C 17 -12.34 9.85 8.43
N ALA C 18 -13.65 9.89 8.63
CA ALA C 18 -14.49 8.74 8.33
C ALA C 18 -15.58 9.09 7.34
N PHE C 19 -15.80 8.15 6.43
CA PHE C 19 -16.83 8.18 5.37
C PHE C 19 -17.82 7.07 5.53
N ALA C 20 -19.09 7.30 5.15
CA ALA C 20 -20.11 6.22 5.24
C ALA C 20 -20.70 5.83 3.90
N ASN C 21 -20.89 4.53 3.70
CA ASN C 21 -21.48 3.98 2.47
C ASN C 21 -22.31 2.74 2.82
N SER C 22 -23.46 2.97 3.42
CA SER C 22 -24.30 1.86 3.91
C SER C 22 -25.66 2.41 4.31
N ALA C 23 -26.67 1.53 4.23
CA ALA C 23 -27.98 1.87 4.79
C ALA C 23 -27.97 2.06 6.30
N GLY C 24 -27.02 1.39 6.97
CA GLY C 24 -26.92 1.38 8.40
C GLY C 24 -26.12 2.56 8.94
N THR C 25 -26.58 3.12 10.05
CA THR C 25 -25.81 4.20 10.74
C THR C 25 -24.53 3.64 11.28
N GLN C 26 -23.40 4.28 10.94
CA GLN C 26 -22.10 3.79 11.32
C GLN C 26 -21.64 4.48 12.58
N THR C 27 -21.04 3.74 13.49
CA THR C 27 -20.40 4.26 14.69
C THR C 27 -18.92 3.92 14.64
N VAL C 28 -18.07 4.94 14.57
CA VAL C 28 -16.63 4.75 14.46
C VAL C 28 -16.03 5.23 15.78
N ASN C 29 -15.37 4.31 16.47
CA ASN C 29 -14.61 4.62 17.69
CA ASN C 29 -14.62 4.60 17.70
C ASN C 29 -13.11 4.70 17.42
N VAL C 30 -12.50 5.78 17.92
CA VAL C 30 -11.06 5.96 17.81
C VAL C 30 -10.44 5.85 19.19
N GLN C 31 -9.56 4.89 19.38
N GLN C 31 -9.55 4.90 19.37
CA GLN C 31 -8.84 4.73 20.65
CA GLN C 31 -8.82 4.75 20.63
C GLN C 31 -7.38 5.10 20.45
C GLN C 31 -7.36 5.11 20.43
N VAL C 32 -6.83 5.85 21.39
CA VAL C 32 -5.44 6.19 21.39
C VAL C 32 -4.87 5.62 22.68
N ASN C 33 -3.89 4.75 22.56
CA ASN C 33 -3.29 4.03 23.67
C ASN C 33 -4.36 3.43 24.61
N ASN C 34 -5.30 2.78 23.94
CA ASN C 34 -6.32 1.98 24.61
C ASN C 34 -7.40 2.80 25.32
N GLU C 35 -7.53 4.08 24.99
CA GLU C 35 -8.62 4.91 25.49
C GLU C 35 -9.38 5.53 24.37
N THR C 36 -10.70 5.52 24.48
CA THR C 36 -11.54 6.19 23.48
C THR C 36 -11.38 7.66 23.54
N VAL C 37 -10.96 8.28 22.45
CA VAL C 37 -10.77 9.72 22.35
C VAL C 37 -11.68 10.39 21.37
N ALA C 38 -12.36 9.64 20.52
CA ALA C 38 -13.32 10.24 19.59
C ALA C 38 -14.31 9.17 19.11
N THR C 39 -15.54 9.61 18.82
CA THR C 39 -16.56 8.74 18.29
C THR C 39 -17.24 9.51 17.18
N PHE C 40 -17.35 8.90 16.00
CA PHE C 40 -18.08 9.49 14.89
C PHE C 40 -19.31 8.68 14.62
N THR C 41 -20.42 9.35 14.39
CA THR C 41 -21.67 8.64 14.06
C THR C 41 -22.33 9.32 12.89
N GLY C 42 -22.72 8.53 11.91
CA GLY C 42 -23.49 9.06 10.80
C GLY C 42 -23.92 8.06 9.78
N GLN C 43 -24.74 8.50 8.83
CA GLN C 43 -25.30 7.60 7.85
C GLN C 43 -25.24 8.23 6.48
N SER C 44 -24.81 7.45 5.49
CA SER C 44 -24.80 7.89 4.15
C SER C 44 -24.63 6.70 3.24
N THR C 45 -25.21 6.76 2.03
CA THR C 45 -24.86 5.83 0.95
C THR C 45 -24.11 6.50 -0.18
N ASN C 46 -23.57 7.67 0.10
CA ASN C 46 -22.86 8.43 -0.89
C ASN C 46 -21.58 9.08 -0.35
N ASN C 47 -20.88 8.35 0.52
CA ASN C 47 -19.55 8.71 0.96
C ASN C 47 -19.49 9.99 1.75
N ALA C 48 -20.57 10.38 2.40
CA ALA C 48 -20.50 11.54 3.23
C ALA C 48 -19.46 11.40 4.32
N ILE C 49 -18.85 12.50 4.69
CA ILE C 49 -17.92 12.53 5.80
C ILE C 49 -18.70 12.59 7.08
N ILE C 50 -18.57 11.59 7.94
CA ILE C 50 -19.27 11.51 9.21
C ILE C 50 -18.43 11.98 10.41
N GLY C 51 -17.18 12.25 10.16
CA GLY C 51 -16.32 12.89 11.16
C GLY C 51 -14.94 13.15 10.63
N SER C 52 -14.30 14.17 11.15
CA SER C 52 -12.90 14.47 10.81
C SER C 52 -12.34 15.23 12.02
N LYS C 53 -11.22 14.76 12.55
N LYS C 53 -11.21 14.76 12.54
CA LYS C 53 -10.65 15.34 13.71
CA LYS C 53 -10.64 15.33 13.72
C LYS C 53 -9.13 15.30 13.63
C LYS C 53 -9.13 15.29 13.64
N VAL C 54 -8.50 16.18 14.40
CA VAL C 54 -7.06 16.10 14.63
C VAL C 54 -6.83 15.67 16.05
N LEU C 55 -6.02 14.64 16.21
CA LEU C 55 -5.72 14.05 17.53
C LEU C 55 -4.22 13.92 17.71
N ASN C 56 -3.80 13.70 18.95
CA ASN C 56 -2.40 13.38 19.28
C ASN C 56 -2.26 11.92 19.58
N SER C 57 -1.19 11.31 19.12
CA SER C 57 -0.97 9.86 19.31
C SER C 57 -0.53 9.40 20.72
N GLY C 58 -0.24 10.36 21.55
CA GLY C 58 0.15 10.10 22.95
C GLY C 58 1.46 9.37 23.13
N GLY C 59 1.65 8.80 24.33
CA GLY C 59 2.94 8.19 24.62
C GLY C 59 3.36 7.04 23.75
N GLY C 60 2.43 6.10 23.51
CA GLY C 60 2.79 4.93 22.81
C GLY C 60 2.59 5.01 21.32
N GLY C 61 1.80 5.97 20.87
CA GLY C 61 1.45 6.04 19.45
C GLY C 61 0.41 5.07 18.96
N LYS C 62 -0.22 4.30 19.83
CA LYS C 62 -1.15 3.25 19.41
C LYS C 62 -2.48 3.88 19.02
N VAL C 63 -2.95 3.64 17.81
CA VAL C 63 -4.22 4.10 17.36
C VAL C 63 -5.04 2.87 16.90
N GLN C 64 -6.24 2.73 17.42
CA GLN C 64 -7.14 1.62 17.06
C GLN C 64 -8.48 2.17 16.61
N ILE C 65 -8.98 1.66 15.49
CA ILE C 65 -10.25 1.99 14.95
C ILE C 65 -11.20 0.81 15.14
N LEU C 66 -12.39 1.11 15.64
CA LEU C 66 -13.45 0.09 15.77
C LEU C 66 -14.69 0.64 15.08
N VAL C 67 -15.44 -0.22 14.40
CA VAL C 67 -16.64 0.21 13.68
C VAL C 67 -17.79 -0.73 14.05
N SER C 68 -18.94 -0.15 14.38
CA SER C 68 -20.11 -0.94 14.71
C SER C 68 -21.36 -0.30 14.09
N VAL C 69 -22.40 -1.10 13.90
CA VAL C 69 -23.67 -0.59 13.41
C VAL C 69 -24.72 -1.08 14.43
N ASN C 70 -25.34 -0.14 15.12
CA ASN C 70 -26.28 -0.40 16.21
C ASN C 70 -25.68 -1.42 17.18
N GLY C 71 -24.45 -1.20 17.54
CA GLY C 71 -23.70 -2.02 18.47
C GLY C 71 -23.13 -3.31 17.99
N ARG C 72 -23.37 -3.69 16.73
CA ARG C 72 -22.80 -4.91 16.19
C ARG C 72 -21.49 -4.58 15.51
N SER C 73 -20.40 -5.24 15.91
CA SER C 73 -19.07 -4.92 15.31
C SER C 73 -19.06 -5.28 13.84
N SER C 74 -18.59 -4.39 13.01
CA SER C 74 -18.30 -4.72 11.62
C SER C 74 -16.99 -5.46 11.49
N ASP C 75 -16.82 -6.19 10.41
CA ASP C 75 -15.54 -6.81 10.09
C ASP C 75 -14.61 -5.78 9.50
N LEU C 76 -13.37 -5.73 9.94
CA LEU C 76 -12.41 -4.71 9.47
C LEU C 76 -11.31 -5.28 8.59
N VAL C 77 -10.81 -4.41 7.71
CA VAL C 77 -9.56 -4.65 6.97
C VAL C 77 -8.76 -3.35 6.98
N SER C 78 -7.44 -3.50 7.02
CA SER C 78 -6.61 -2.30 7.11
C SER C 78 -5.22 -2.51 6.55
N ALA C 79 -4.54 -1.41 6.28
CA ALA C 79 -3.10 -1.44 5.99
C ALA C 79 -2.53 -0.05 6.21
N GLN C 80 -1.22 0.04 6.23
CA GLN C 80 -0.54 1.36 6.30
C GLN C 80 0.34 1.47 5.06
N VAL C 81 0.33 2.65 4.45
CA VAL C 81 1.17 2.94 3.29
CA VAL C 81 1.21 2.91 3.29
C VAL C 81 1.98 4.22 3.54
N ILE C 82 3.25 4.17 3.11
CA ILE C 82 4.15 5.31 3.25
C ILE C 82 4.72 5.72 1.93
N LEU C 83 4.51 6.97 1.58
CA LEU C 83 4.96 7.55 0.30
C LEU C 83 6.10 8.55 0.56
N ALA C 84 7.05 8.55 -0.36
CA ALA C 84 8.25 9.40 -0.29
C ALA C 84 8.98 9.27 1.05
N ASN C 85 8.86 8.10 1.69
CA ASN C 85 9.54 7.83 2.94
C ASN C 85 9.13 8.78 4.05
N GLU C 86 7.94 9.36 3.93
CA GLU C 86 7.55 10.46 4.83
C GLU C 86 6.05 10.58 5.09
N LEU C 87 5.26 10.46 4.07
CA LEU C 87 3.82 10.68 4.13
C LEU C 87 3.14 9.34 4.45
N ASN C 88 2.41 9.31 5.56
CA ASN C 88 1.79 8.09 6.05
C ASN C 88 0.29 8.09 5.96
N PHE C 89 -0.27 6.99 5.48
CA PHE C 89 -1.71 6.76 5.52
C PHE C 89 -1.97 5.46 6.26
N ALA C 90 -2.91 5.47 7.18
CA ALA C 90 -3.40 4.23 7.82
C ALA C 90 -4.85 4.12 7.44
N LEU C 91 -5.17 3.02 6.81
CA LEU C 91 -6.43 2.88 6.03
C LEU C 91 -7.27 1.75 6.61
N VAL C 92 -8.56 2.03 6.78
CA VAL C 92 -9.50 1.03 7.30
C VAL C 92 -10.74 0.94 6.44
N GLY C 93 -11.12 -0.28 6.14
CA GLY C 93 -12.43 -0.59 5.52
C GLY C 93 -13.23 -1.47 6.48
N SER C 94 -14.54 -1.42 6.35
CA SER C 94 -15.39 -2.20 7.26
C SER C 94 -16.60 -2.70 6.54
N GLU C 95 -17.11 -3.87 6.96
CA GLU C 95 -18.21 -4.53 6.31
C GLU C 95 -19.23 -4.93 7.35
N ASP C 96 -20.45 -4.40 7.19
CA ASP C 96 -21.59 -4.58 8.09
C ASP C 96 -22.59 -5.67 7.66
N SER C 97 -22.34 -6.30 6.53
CA SER C 97 -23.27 -7.20 5.86
C SER C 97 -22.51 -8.29 5.07
N THR C 98 -23.11 -8.80 3.97
CA THR C 98 -22.56 -9.91 3.24
C THR C 98 -22.10 -9.56 1.84
N ASP C 99 -22.22 -8.31 1.40
CA ASP C 99 -21.83 -7.99 0.00
C ASP C 99 -20.34 -7.75 -0.18
N ASN C 100 -19.62 -7.60 0.94
CA ASN C 100 -18.19 -7.51 0.95
C ASN C 100 -17.65 -6.36 0.09
N ASP C 101 -18.36 -5.24 0.10
CA ASP C 101 -17.75 -4.05 -0.44
C ASP C 101 -16.75 -3.37 0.53
N TYR C 102 -16.84 -3.64 1.82
CA TYR C 102 -15.88 -3.14 2.82
C TYR C 102 -15.77 -1.63 2.84
N ASN C 103 -16.81 -0.94 2.38
CA ASN C 103 -16.83 0.51 2.35
C ASN C 103 -17.85 1.12 3.30
N ASP C 104 -18.45 0.29 4.15
CA ASP C 104 -19.62 0.71 4.87
C ASP C 104 -19.29 1.86 5.81
N ALA C 105 -18.18 1.74 6.50
CA ALA C 105 -17.44 2.88 7.01
C ALA C 105 -16.01 2.74 6.48
N VAL C 106 -15.48 3.83 5.95
CA VAL C 106 -14.13 3.91 5.50
C VAL C 106 -13.41 4.93 6.38
N VAL C 107 -12.25 4.59 6.92
CA VAL C 107 -11.52 5.50 7.81
C VAL C 107 -10.10 5.73 7.27
N VAL C 108 -9.73 6.99 7.15
CA VAL C 108 -8.40 7.39 6.71
C VAL C 108 -7.70 8.18 7.80
N ILE C 109 -6.55 7.70 8.19
CA ILE C 109 -5.68 8.36 9.14
C ILE C 109 -4.45 8.85 8.39
N ASN C 110 -4.10 10.10 8.57
CA ASN C 110 -2.91 10.66 7.87
C ASN C 110 -2.00 11.44 8.79
N TRP C 111 -0.71 11.34 8.53
CA TRP C 111 0.32 12.13 9.24
C TRP C 111 1.55 12.17 8.38
N PRO C 112 2.50 13.09 8.60
CA PRO C 112 2.46 14.20 9.56
C PRO C 112 1.56 15.29 9.08
N LEU C 113 1.20 16.15 9.99
CA LEU C 113 0.41 17.37 9.70
C LEU C 113 1.34 18.61 9.70
N GLY C 114 0.78 19.71 9.30
CA GLY C 114 1.43 20.99 9.34
C GLY C 114 2.27 21.37 8.18
N ALA D 1 8.69 9.23 -12.67
CA ALA D 1 7.45 8.64 -13.19
C ALA D 1 6.35 9.68 -13.06
N THR D 2 5.38 9.60 -13.94
CA THR D 2 4.14 10.38 -13.74
C THR D 2 3.50 9.85 -12.47
N GLN D 3 2.92 10.76 -11.70
CA GLN D 3 2.28 10.41 -10.45
C GLN D 3 0.92 11.08 -10.47
N GLY D 4 0.00 10.58 -9.68
CA GLY D 4 -1.32 11.21 -9.55
C GLY D 4 -2.28 10.79 -10.62
N VAL D 5 -1.99 9.74 -11.41
CA VAL D 5 -2.88 9.27 -12.48
C VAL D 5 -3.29 7.87 -12.12
N PHE D 6 -4.59 7.59 -12.15
CA PHE D 6 -5.11 6.31 -11.78
C PHE D 6 -6.13 5.83 -12.79
N THR D 7 -6.11 4.55 -13.10
CA THR D 7 -7.18 3.95 -13.91
C THR D 7 -8.19 3.29 -13.01
N LEU D 8 -9.37 3.84 -12.99
CA LEU D 8 -10.49 3.24 -12.28
C LEU D 8 -11.31 2.37 -13.26
N PRO D 9 -12.15 1.49 -12.73
CA PRO D 9 -13.12 0.82 -13.58
C PRO D 9 -14.02 1.84 -14.19
N ALA D 10 -14.46 1.55 -15.41
CA ALA D 10 -15.35 2.45 -16.08
C ALA D 10 -16.67 2.67 -15.36
N ASN D 11 -17.21 3.87 -15.51
CA ASN D 11 -18.56 4.20 -15.05
C ASN D 11 -18.79 3.95 -13.57
N THR D 12 -17.77 4.25 -12.77
CA THR D 12 -17.79 3.93 -11.34
C THR D 12 -17.81 5.23 -10.54
N GLN D 13 -18.71 5.28 -9.60
CA GLN D 13 -18.74 6.39 -8.66
C GLN D 13 -17.53 6.30 -7.74
N PHE D 14 -16.92 7.42 -7.47
CA PHE D 14 -15.77 7.49 -6.54
C PHE D 14 -15.79 8.76 -5.74
N GLY D 15 -15.16 8.71 -4.60
CA GLY D 15 -15.00 9.89 -3.75
C GLY D 15 -13.60 10.47 -3.91
N VAL D 16 -13.52 11.79 -3.87
CA VAL D 16 -12.24 12.48 -3.82
C VAL D 16 -12.28 13.52 -2.70
N THR D 17 -11.27 13.49 -1.86
CA THR D 17 -11.18 14.38 -0.68
C THR D 17 -9.79 14.92 -0.58
N ALA D 18 -9.66 16.22 -0.32
CA ALA D 18 -8.37 16.85 -0.19
C ALA D 18 -8.17 17.59 1.13
N PHE D 19 -6.97 17.47 1.67
CA PHE D 19 -6.58 18.06 2.93
C PHE D 19 -5.41 19.00 2.70
N ALA D 20 -5.32 20.07 3.49
CA ALA D 20 -4.19 21.02 3.35
C ALA D 20 -3.33 21.12 4.58
N ASN D 21 -2.02 21.21 4.35
CA ASN D 21 -1.04 21.33 5.46
C ASN D 21 0.15 22.18 4.96
N SER D 22 -0.08 23.46 4.81
CA SER D 22 0.96 24.35 4.24
C SER D 22 0.55 25.80 4.48
N ALA D 23 1.55 26.68 4.57
CA ALA D 23 1.27 28.13 4.55
C ALA D 23 0.64 28.59 3.25
N GLY D 24 0.90 27.89 2.14
CA GLY D 24 0.38 28.25 0.83
C GLY D 24 -1.02 27.77 0.59
N THR D 25 -1.81 28.55 -0.14
CA THR D 25 -3.11 28.10 -0.63
C THR D 25 -2.95 27.04 -1.68
N GLN D 26 -3.59 25.90 -1.47
CA GLN D 26 -3.48 24.79 -2.38
C GLN D 26 -4.63 24.75 -3.36
N THR D 27 -4.33 24.40 -4.59
CA THR D 27 -5.31 24.22 -5.65
C THR D 27 -5.20 22.78 -6.10
N VAL D 28 -6.25 22.01 -5.92
CA VAL D 28 -6.29 20.62 -6.38
C VAL D 28 -7.24 20.53 -7.59
N ASN D 29 -6.70 20.18 -8.74
N ASN D 29 -6.71 20.21 -8.77
CA ASN D 29 -7.47 19.95 -9.95
CA ASN D 29 -7.52 19.95 -9.93
C ASN D 29 -7.73 18.46 -10.14
C ASN D 29 -7.75 18.45 -10.13
N VAL D 30 -9.00 18.10 -10.37
CA VAL D 30 -9.37 16.71 -10.63
C VAL D 30 -9.81 16.58 -12.08
N GLN D 31 -9.14 15.77 -12.83
CA GLN D 31 -9.55 15.52 -14.21
C GLN D 31 -10.03 14.11 -14.36
N VAL D 32 -11.15 13.95 -15.08
CA VAL D 32 -11.68 12.67 -15.41
C VAL D 32 -11.66 12.58 -16.90
N ASN D 33 -10.99 11.55 -17.42
CA ASN D 33 -10.83 11.41 -18.92
C ASN D 33 -10.42 12.68 -19.58
N ASN D 34 -9.46 13.34 -18.94
CA ASN D 34 -8.81 14.54 -19.47
C ASN D 34 -9.63 15.80 -19.47
N GLU D 35 -10.71 15.81 -18.71
CA GLU D 35 -11.47 17.04 -18.50
C GLU D 35 -11.51 17.39 -17.03
N THR D 36 -11.31 18.66 -16.72
CA THR D 36 -11.44 19.12 -15.33
C THR D 36 -12.88 19.05 -14.88
N VAL D 37 -13.11 18.30 -13.81
CA VAL D 37 -14.45 18.13 -13.23
C VAL D 37 -14.58 18.64 -11.83
N ALA D 38 -13.48 19.00 -11.20
CA ALA D 38 -13.53 19.61 -9.88
C ALA D 38 -12.25 20.33 -9.57
N THR D 39 -12.37 21.39 -8.76
CA THR D 39 -11.23 22.12 -8.33
C THR D 39 -11.46 22.42 -6.88
N PHE D 40 -10.52 22.07 -6.03
CA PHE D 40 -10.62 22.36 -4.62
C PHE D 40 -9.56 23.36 -4.27
N THR D 41 -9.92 24.40 -3.51
CA THR D 41 -8.95 25.41 -3.16
C THR D 41 -9.04 25.71 -1.69
N GLY D 42 -7.91 25.81 -1.01
CA GLY D 42 -7.96 26.19 0.40
C GLY D 42 -6.61 26.25 1.05
N GLN D 43 -6.59 26.76 2.27
CA GLN D 43 -5.35 26.95 3.01
C GLN D 43 -5.56 26.49 4.45
N SER D 44 -4.66 25.64 4.93
CA SER D 44 -4.66 25.18 6.32
C SER D 44 -3.28 24.64 6.66
N THR D 45 -2.86 24.81 7.90
CA THR D 45 -1.70 24.12 8.43
C THR D 45 -2.11 23.04 9.43
N ASN D 46 -3.39 22.67 9.43
CA ASN D 46 -3.91 21.71 10.43
C ASN D 46 -4.88 20.70 9.78
N ASN D 47 -4.58 20.34 8.57
CA ASN D 47 -5.28 19.25 7.93
C ASN D 47 -6.76 19.52 7.61
N ALA D 48 -7.14 20.80 7.44
CA ALA D 48 -8.51 21.05 7.05
C ALA D 48 -8.85 20.39 5.73
N ILE D 49 -10.08 19.96 5.64
CA ILE D 49 -10.58 19.41 4.39
C ILE D 49 -10.94 20.55 3.49
N ILE D 50 -10.28 20.67 2.36
CA ILE D 50 -10.52 21.77 1.43
C ILE D 50 -11.47 21.37 0.31
N GLY D 51 -11.85 20.12 0.26
CA GLY D 51 -12.89 19.70 -0.69
C GLY D 51 -13.18 18.22 -0.55
N SER D 52 -14.43 17.85 -0.81
CA SER D 52 -14.81 16.43 -0.89
C SER D 52 -15.98 16.35 -1.85
N LYS D 53 -15.88 15.49 -2.83
CA LYS D 53 -16.91 15.35 -3.85
C LYS D 53 -17.09 13.91 -4.25
N VAL D 54 -18.25 13.60 -4.83
CA VAL D 54 -18.47 12.32 -5.49
C VAL D 54 -18.50 12.59 -7.00
N LEU D 55 -17.74 11.78 -7.71
CA LEU D 55 -17.61 11.89 -9.17
C LEU D 55 -17.83 10.54 -9.80
N ASN D 56 -17.98 10.51 -11.14
CA ASN D 56 -18.06 9.27 -11.86
C ASN D 56 -16.86 9.15 -12.78
N SER D 57 -16.28 7.97 -12.89
CA SER D 57 -15.11 7.75 -13.67
C SER D 57 -15.31 7.72 -15.19
N GLY D 58 -16.55 7.70 -15.59
CA GLY D 58 -16.84 7.85 -17.00
C GLY D 58 -16.39 6.66 -17.85
N GLY D 59 -16.39 6.85 -19.16
CA GLY D 59 -16.08 5.76 -20.05
C GLY D 59 -14.68 5.21 -19.94
N GLY D 60 -13.71 6.13 -19.87
CA GLY D 60 -12.35 5.70 -19.88
C GLY D 60 -11.76 5.33 -18.51
N GLY D 61 -12.41 5.77 -17.45
CA GLY D 61 -11.90 5.56 -16.10
C GLY D 61 -10.66 6.27 -15.69
N LYS D 62 -10.16 7.22 -16.50
CA LYS D 62 -8.90 7.89 -16.15
C LYS D 62 -9.12 8.99 -15.15
N VAL D 63 -8.47 8.96 -14.01
CA VAL D 63 -8.55 10.04 -13.02
C VAL D 63 -7.18 10.60 -12.76
N GLN D 64 -7.03 11.92 -12.90
CA GLN D 64 -5.75 12.56 -12.67
C GLN D 64 -5.89 13.69 -11.67
N ILE D 65 -5.00 13.72 -10.71
CA ILE D 65 -4.90 14.79 -9.72
C ILE D 65 -3.70 15.66 -10.02
N LEU D 66 -3.93 16.97 -10.05
CA LEU D 66 -2.81 17.96 -10.20
C LEU D 66 -2.92 18.89 -9.02
N VAL D 67 -1.80 19.28 -8.44
CA VAL D 67 -1.78 20.19 -7.34
C VAL D 67 -0.90 21.34 -7.66
N SER D 68 -1.38 22.55 -7.41
CA SER D 68 -0.55 23.73 -7.64
C SER D 68 -0.74 24.73 -6.53
N VAL D 69 0.23 25.62 -6.41
CA VAL D 69 0.12 26.70 -5.45
C VAL D 69 0.29 27.93 -6.33
N ASN D 70 -0.82 28.63 -6.58
CA ASN D 70 -0.87 29.78 -7.55
C ASN D 70 -0.23 29.44 -8.88
N GLY D 71 -0.68 28.33 -9.42
CA GLY D 71 -0.26 27.92 -10.74
C GLY D 71 1.11 27.25 -10.84
N ARG D 72 1.90 27.22 -9.76
CA ARG D 72 3.16 26.44 -9.74
C ARG D 72 2.86 25.01 -9.34
N SER D 73 3.17 24.05 -10.20
CA SER D 73 2.84 22.65 -9.95
C SER D 73 3.67 22.12 -8.80
N SER D 74 3.02 21.48 -7.82
CA SER D 74 3.73 20.80 -6.77
C SER D 74 4.30 19.49 -7.30
N ASP D 75 5.31 19.00 -6.64
CA ASP D 75 5.80 17.66 -6.90
C ASP D 75 4.85 16.65 -6.26
N LEU D 76 4.50 15.61 -6.99
CA LEU D 76 3.57 14.60 -6.51
C LEU D 76 4.16 13.27 -6.22
N VAL D 77 3.53 12.56 -5.31
N VAL D 77 3.56 12.57 -5.26
CA VAL D 77 3.80 11.15 -5.10
CA VAL D 77 3.78 11.12 -5.11
C VAL D 77 2.47 10.42 -4.91
C VAL D 77 2.46 10.44 -4.93
N SER D 78 2.37 9.21 -5.40
CA SER D 78 1.10 8.49 -5.37
C SER D 78 1.24 6.98 -5.37
N ALA D 79 0.17 6.31 -4.93
CA ALA D 79 0.09 4.86 -5.03
C ALA D 79 -1.38 4.45 -4.89
N GLN D 80 -1.69 3.22 -5.25
CA GLN D 80 -3.04 2.70 -5.10
C GLN D 80 -2.94 1.46 -4.22
N VAL D 81 -3.87 1.30 -3.29
N VAL D 81 -3.87 1.30 -3.28
CA VAL D 81 -3.89 0.10 -2.44
CA VAL D 81 -3.89 0.13 -2.39
C VAL D 81 -5.29 -0.48 -2.44
C VAL D 81 -5.28 -0.47 -2.42
N ILE D 82 -5.36 -1.81 -2.45
CA ILE D 82 -6.60 -2.54 -2.46
C ILE D 82 -6.67 -3.46 -1.27
N LEU D 83 -7.73 -3.33 -0.50
CA LEU D 83 -8.01 -4.22 0.66
C LEU D 83 -9.19 -5.12 0.42
N ALA D 84 -9.16 -6.33 0.96
CA ALA D 84 -10.25 -7.31 0.81
C ALA D 84 -10.55 -7.58 -0.67
N ASN D 85 -9.58 -7.39 -1.55
CA ASN D 85 -9.77 -7.60 -2.97
C ASN D 85 -10.95 -6.82 -3.54
N GLU D 86 -11.25 -5.68 -2.93
CA GLU D 86 -12.43 -4.93 -3.35
C GLU D 86 -12.38 -3.43 -3.06
N LEU D 87 -11.86 -3.06 -1.89
CA LEU D 87 -11.89 -1.66 -1.43
C LEU D 87 -10.62 -0.97 -1.95
N ASN D 88 -10.80 0.10 -2.73
CA ASN D 88 -9.66 0.75 -3.38
C ASN D 88 -9.40 2.16 -2.81
N PHE D 89 -8.14 2.48 -2.58
CA PHE D 89 -7.69 3.80 -2.30
C PHE D 89 -6.65 4.23 -3.29
N ALA D 90 -6.82 5.41 -3.83
CA ALA D 90 -5.77 6.06 -4.67
C ALA D 90 -5.34 7.28 -3.93
N LEU D 91 -4.04 7.34 -3.66
CA LEU D 91 -3.47 8.25 -2.68
C LEU D 91 -2.45 9.16 -3.33
N VAL D 92 -2.54 10.45 -3.00
CA VAL D 92 -1.60 11.47 -3.49
C VAL D 92 -1.08 12.29 -2.37
N GLY D 93 0.24 12.47 -2.34
CA GLY D 93 0.88 13.49 -1.55
C GLY D 93 1.52 14.54 -2.44
N SER D 94 1.76 15.71 -1.92
CA SER D 94 2.35 16.77 -2.74
C SER D 94 3.22 17.66 -1.92
N GLU D 95 4.24 18.23 -2.57
CA GLU D 95 5.23 19.05 -1.91
C GLU D 95 5.40 20.36 -2.68
N ASP D 96 5.17 21.45 -1.98
CA ASP D 96 5.21 22.79 -2.57
C ASP D 96 6.52 23.54 -2.32
N SER D 97 7.45 22.94 -1.59
CA SER D 97 8.61 23.59 -1.08
C SER D 97 9.76 22.59 -0.92
N THR D 98 10.65 22.82 0.03
CA THR D 98 11.85 22.03 0.16
C THR D 98 11.93 21.13 1.41
N ASP D 99 10.93 21.16 2.30
CA ASP D 99 11.01 20.38 3.54
C ASP D 99 10.61 18.92 3.36
N ASN D 100 10.05 18.59 2.19
CA ASN D 100 9.74 17.21 1.83
C ASN D 100 8.86 16.48 2.83
N ASP D 101 7.90 17.19 3.41
CA ASP D 101 6.85 16.50 4.20
C ASP D 101 5.75 15.89 3.30
N TYR D 102 5.63 16.36 2.05
CA TYR D 102 4.70 15.76 1.03
C TYR D 102 3.22 15.73 1.53
N ASN D 103 2.90 16.62 2.45
CA ASN D 103 1.54 16.69 2.98
C ASN D 103 0.81 17.99 2.64
N ASP D 104 1.43 18.80 1.77
CA ASP D 104 1.01 20.18 1.64
C ASP D 104 -0.41 20.24 1.09
N ALA D 105 -0.66 19.41 0.13
CA ALA D 105 -2.02 18.92 -0.18
C ALA D 105 -1.99 17.40 -0.24
N VAL D 106 -2.93 16.78 0.46
CA VAL D 106 -3.04 15.30 0.52
C VAL D 106 -4.39 14.99 -0.12
N VAL D 107 -4.39 14.08 -1.04
CA VAL D 107 -5.64 13.72 -1.76
C VAL D 107 -5.90 12.23 -1.63
N VAL D 108 -7.13 11.91 -1.24
CA VAL D 108 -7.56 10.52 -1.11
C VAL D 108 -8.76 10.27 -2.03
N ILE D 109 -8.60 9.29 -2.90
CA ILE D 109 -9.68 8.82 -3.77
C ILE D 109 -10.12 7.43 -3.25
N ASN D 110 -11.41 7.21 -3.12
CA ASN D 110 -11.88 5.92 -2.66
C ASN D 110 -13.03 5.40 -3.51
N TRP D 111 -13.04 4.10 -3.73
CA TRP D 111 -14.16 3.40 -4.37
C TRP D 111 -14.16 1.94 -3.95
N PRO D 112 -15.26 1.19 -4.12
CA PRO D 112 -16.60 1.65 -4.57
C PRO D 112 -17.29 2.41 -3.52
N LEU D 113 -18.33 3.13 -3.94
CA LEU D 113 -19.22 3.83 -3.06
C LEU D 113 -20.54 3.11 -2.96
N GLY D 114 -21.38 3.57 -2.06
CA GLY D 114 -22.71 3.05 -1.89
C GLY D 114 -22.88 1.86 -1.00
C1 GAL E . 4.44 -28.01 17.11
C2 GAL E . 4.39 -26.47 17.18
C3 GAL E . 5.78 -25.98 17.49
C4 GAL E . 6.35 -26.61 18.76
C5 GAL E . 6.29 -28.13 18.60
C6 GAL E . 6.84 -28.91 19.79
O1 GAL E . 3.08 -28.34 16.93
O2 GAL E . 3.88 -25.96 15.91
O3 GAL E . 5.67 -24.53 17.61
O4 GAL E . 5.54 -26.15 19.86
O5 GAL E . 4.92 -28.44 18.40
O6 GAL E . 7.00 -30.29 19.34
C1 NAG E . 6.89 -23.87 17.46
C2 NAG E . 6.58 -22.52 16.77
C3 NAG E . 7.89 -21.75 16.65
C4 NAG E . 8.56 -21.64 18.03
C5 NAG E . 8.78 -23.04 18.61
C6 NAG E . 9.39 -23.14 20.01
C7 NAG E . 6.41 -23.44 14.53
C8 NAG E . 5.47 -23.73 13.42
N2 NAG E . 5.87 -22.82 15.55
O3 NAG E . 7.61 -20.41 16.19
O4 NAG E . 9.84 -21.04 17.85
O5 NAG E . 7.49 -23.64 18.72
O6 NAG E . 8.54 -22.41 20.89
O7 NAG E . 7.59 -23.74 14.43
C1 FUC E . 7.93 -20.25 14.87
C2 FUC E . 7.37 -18.95 14.31
C3 FUC E . 8.07 -17.78 15.00
C4 FUC E . 9.54 -17.88 14.77
C5 FUC E . 10.07 -19.25 15.23
C6 FUC E . 11.54 -19.46 14.96
O2 FUC E . 5.99 -18.76 14.42
O3 FUC E . 7.57 -16.53 14.39
O4 FUC E . 9.86 -17.62 13.40
O5 FUC E . 9.29 -20.27 14.59
C1 GAL E . 10.13 -20.09 18.85
C2 GAL E . 11.61 -19.75 18.79
C3 GAL E . 11.97 -18.60 19.71
C4 GAL E . 11.10 -17.41 19.40
C5 GAL E . 9.66 -17.84 19.54
C6 GAL E . 8.66 -16.77 19.19
O2 GAL E . 12.39 -20.89 19.22
O3 GAL E . 13.33 -18.27 19.41
O4 GAL E . 11.47 -16.99 18.07
O5 GAL E . 9.34 -18.92 18.65
O6 GAL E . 7.36 -17.21 19.62
C1 GAL F . 19.55 1.20 -26.30
C2 GAL F . 18.16 1.06 -25.66
C3 GAL F . 17.44 -0.07 -26.37
C4 GAL F . 17.40 0.14 -27.90
C5 GAL F . 18.78 0.49 -28.40
C6 GAL F . 18.82 0.86 -29.89
O1 GAL F . 20.30 2.16 -25.58
O2 GAL F . 18.30 0.82 -24.25
O3 GAL F . 16.12 -0.10 -25.82
O4 GAL F . 16.47 1.20 -28.25
O5 GAL F . 19.31 1.59 -27.66
O6 GAL F . 20.21 0.75 -30.25
C1 NAG F . 15.52 -1.35 -25.89
C2 NAG F . 14.54 -1.43 -24.67
C3 NAG F . 13.68 -2.67 -24.78
C4 NAG F . 13.05 -2.85 -26.16
C5 NAG F . 14.19 -2.82 -27.18
C6 NAG F . 13.75 -3.06 -28.62
C7 NAG F . 16.26 -2.13 -23.03
C8 NAG F . 17.05 -1.61 -21.86
N2 NAG F . 15.38 -1.27 -23.50
O3 NAG F . 12.64 -2.62 -23.75
O4 NAG F . 12.43 -4.14 -26.20
O5 NAG F . 14.80 -1.54 -27.10
O6 NAG F . 12.82 -2.02 -28.93
O7 NAG F . 16.44 -3.23 -23.50
C1 FUC F . 13.07 -3.32 -22.60
C2 FUC F . 12.11 -2.98 -21.42
C3 FUC F . 10.71 -3.35 -21.84
C4 FUC F . 10.63 -4.81 -22.15
C5 FUC F . 11.68 -5.18 -23.21
C6 FUC F . 11.65 -6.66 -23.46
O2 FUC F . 12.01 -1.63 -21.04
O3 FUC F . 9.77 -3.07 -20.79
O4 FUC F . 10.77 -5.61 -20.94
O5 FUC F . 12.96 -4.67 -22.83
C1 GAL F . 11.11 -4.12 -26.79
C2 GAL F . 10.70 -5.53 -27.02
C3 GAL F . 9.25 -5.56 -27.51
C4 GAL F . 8.34 -4.83 -26.53
C5 GAL F . 8.84 -3.41 -26.41
C6 GAL F . 7.96 -2.52 -25.57
O2 GAL F . 11.65 -6.03 -27.98
O3 GAL F . 8.79 -6.89 -27.64
O4 GAL F . 8.37 -5.50 -25.25
O5 GAL F . 10.18 -3.41 -25.93
O6 GAL F . 8.51 -1.20 -25.69
C1 GAL G . -30.61 -6.13 9.91
C2 GAL G . -29.48 -6.04 8.86
C3 GAL G . -30.04 -5.48 7.58
C4 GAL G . -31.19 -6.37 7.06
C5 GAL G . -32.21 -6.41 8.17
C6 GAL G . -33.38 -7.26 7.67
O1 GAL G . -30.03 -6.66 11.10
O2 GAL G . -28.43 -5.19 9.34
O3 GAL G . -28.99 -5.58 6.66
O4 GAL G . -30.70 -7.68 6.70
O5 GAL G . -31.61 -7.00 9.35
O6 GAL G . -34.25 -7.43 8.78
C1 NAG G . -29.14 -4.65 5.56
C2 NAG G . -27.69 -4.34 5.03
C3 NAG G . -27.77 -3.41 3.85
C4 NAG G . -28.77 -3.99 2.82
C5 NAG G . -30.13 -4.13 3.49
C6 NAG G . -31.25 -4.60 2.55
C7 NAG G . -27.07 -2.71 6.83
C8 NAG G . -26.28 -2.48 8.08
N2 NAG G . -26.89 -3.85 6.17
O3 NAG G . -26.47 -3.42 3.24
O4 NAG G . -28.90 -3.03 1.77
O5 NAG G . -29.95 -5.18 4.46
O6 NAG G . -30.89 -5.89 2.09
O7 NAG G . -27.84 -1.84 6.48
C1 FUC G . -25.76 -2.24 3.54
C2 FUC G . -24.27 -2.32 3.16
C3 FUC G . -24.16 -2.51 1.64
C4 FUC G . -24.84 -1.38 0.93
C5 FUC G . -26.25 -1.18 1.46
C6 FUC G . -26.95 0.04 0.91
O2 FUC G . -23.59 -3.45 3.73
O3 FUC G . -22.77 -2.55 1.20
O4 FUC G . -24.10 -0.17 1.16
O5 FUC G . -26.26 -1.08 2.91
C1 GAL G . -28.86 -3.65 0.49
C2 GAL G . -29.40 -2.60 -0.51
C3 GAL G . -29.30 -3.04 -1.94
C4 GAL G . -27.91 -3.57 -2.17
C5 GAL G . -27.54 -4.64 -1.16
C6 GAL G . -26.16 -5.27 -1.36
O2 GAL G . -30.73 -2.16 -0.17
O3 GAL G . -29.56 -1.88 -2.77
O4 GAL G . -27.00 -2.44 -2.11
O5 GAL G . -27.58 -4.09 0.16
O6 GAL G . -26.09 -6.41 -0.51
C1 GAL H . 6.51 31.79 -2.17
C2 GAL H . 6.94 30.46 -1.52
C3 GAL H . 6.98 30.64 -0.01
C4 GAL H . 7.92 31.78 0.40
C5 GAL H . 7.47 33.02 -0.41
C6 GAL H . 8.25 34.28 -0.10
O1 GAL H . 6.48 31.60 -3.59
O2 GAL H . 6.02 29.44 -1.95
O3 GAL H . 7.44 29.42 0.65
O4 GAL H . 9.27 31.33 0.27
O5 GAL H . 7.51 32.76 -1.84
O6 GAL H . 7.60 35.41 -0.72
C1 NAG H . 7.00 29.18 1.94
C2 NAG H . 6.79 27.62 2.01
C3 NAG H . 6.42 27.34 3.45
C4 NAG H . 7.42 27.93 4.43
C5 NAG H . 7.53 29.44 4.19
C6 NAG H . 8.50 30.16 5.11
C7 NAG H . 4.64 27.73 0.83
C8 NAG H . 3.92 27.34 -0.44
N2 NAG H . 5.89 27.27 0.94
O3 NAG H . 6.45 25.87 3.60
O4 NAG H . 6.92 27.80 5.74
O5 NAG H . 7.99 29.58 2.84
O6 NAG H . 9.78 29.57 4.84
O7 NAG H . 4.05 28.33 1.72
C1 FUC H . 5.12 25.40 3.55
C2 FUC H . 5.10 23.89 3.44
C3 FUC H . 5.72 23.30 4.69
C4 FUC H . 5.01 23.77 5.94
C5 FUC H . 4.83 25.28 5.95
C6 FUC H . 3.95 25.76 7.07
O2 FUC H . 5.86 23.35 2.34
O3 FUC H . 5.70 21.85 4.64
O4 FUC H . 3.72 23.18 5.90
O5 FUC H . 4.33 25.70 4.68
C1 GAL H . 7.84 27.34 6.69
C2 GAL H . 7.23 27.50 8.05
C3 GAL H . 8.18 26.89 9.09
C4 GAL H . 8.56 25.48 8.76
C5 GAL H . 9.14 25.47 7.37
C6 GAL H . 9.46 24.07 6.91
O2 GAL H . 7.06 28.88 8.31
O3 GAL H . 7.52 26.91 10.35
O4 GAL H . 7.37 24.70 8.76
O5 GAL H . 8.20 26.02 6.44
O6 GAL H . 10.29 24.20 5.77
CA CA I . 5.20 -16.47 13.72
CA CA J . 8.53 -15.99 12.14
S SO4 K . -8.74 -20.58 -18.60
O1 SO4 K . -8.36 -21.39 -17.42
O2 SO4 K . -10.05 -19.91 -18.35
O3 SO4 K . -7.68 -19.56 -18.81
O4 SO4 K . -8.88 -21.40 -19.84
CA CA L . 10.20 -1.07 -19.44
CA CA M . 9.78 -4.76 -18.87
CA CA N . -21.26 -3.76 2.81
CA CA O . -21.58 -0.38 1.27
S SO4 P . -1.63 8.37 26.61
O1 SO4 P . -1.55 6.95 27.00
O2 SO4 P . -2.34 9.02 27.75
O3 SO4 P . -0.29 8.88 26.46
O4 SO4 P . -2.36 8.52 25.31
CA CA Q . 6.13 20.87 2.37
CA CA R . 3.45 20.78 5.00
#